data_4A75
#
_entry.id   4A75
#
_cell.length_a   51.799
_cell.length_b   81.822
_cell.length_c   99.819
_cell.angle_alpha   90.00
_cell.angle_beta   90.00
_cell.angle_gamma   90.00
#
_symmetry.space_group_name_H-M   'P 21 21 21'
#
loop_
_entity.id
_entity.type
_entity.pdbx_description
1 polymer 'LIN28 COLD SHOCK DOMAIN'
2 polymer "5'-D(*TP*TP*TP*TP*TP*TP)-3'"
3 non-polymer 'THIOCYANATE ION'
4 water water
#
loop_
_entity_poly.entity_id
_entity_poly.type
_entity_poly.pdbx_seq_one_letter_code
_entity_poly.pdbx_strand_id
1 'polypeptide(L)'
;GSDPQVLRGSGHCKWFNVRMGFGFISMTSREGSPLENPVDVFVHQSKLYMEGFRSLKEGEPVEFTFKKSSKGFESLRVTG
PGGNPCLGNE
;
A,C,E,G
2 'polydeoxyribonucleotide' (DT)(DT)(DT)(DT)(DT)(DT) B,D,F,H
#
# COMPACT_ATOMS: atom_id res chain seq x y z
N GLY A 1 1.99 8.88 3.72
CA GLY A 1 0.61 9.34 4.07
C GLY A 1 -0.50 8.35 3.71
N SER A 2 -0.20 7.35 2.88
CA SER A 2 -1.24 6.38 2.46
C SER A 2 -0.71 4.99 2.19
N ASP A 3 -1.55 4.01 2.51
CA ASP A 3 -1.24 2.58 2.34
C ASP A 3 -2.60 1.91 2.23
N PRO A 4 -3.24 2.08 1.07
CA PRO A 4 -4.69 1.97 1.04
C PRO A 4 -5.24 0.54 1.17
N GLN A 5 -4.44 -0.48 0.90
CA GLN A 5 -4.93 -1.86 0.98
C GLN A 5 -4.84 -2.42 2.40
N VAL A 6 -4.22 -1.70 3.32
CA VAL A 6 -4.08 -2.20 4.69
C VAL A 6 -5.33 -1.88 5.48
N LEU A 7 -5.97 -2.94 5.99
CA LEU A 7 -7.19 -2.84 6.75
C LEU A 7 -6.98 -3.40 8.16
N ARG A 8 -7.94 -3.12 9.04
CA ARG A 8 -7.94 -3.63 10.41
C ARG A 8 -9.04 -4.66 10.56
N GLY A 9 -8.76 -5.72 11.31
CA GLY A 9 -9.74 -6.79 11.52
C GLY A 9 -9.63 -7.36 12.93
N SER A 10 -10.62 -8.15 13.30
CA SER A 10 -10.56 -8.93 14.50
C SER A 10 -11.20 -10.29 14.29
N GLY A 11 -10.91 -11.21 15.21
CA GLY A 11 -11.41 -12.56 15.10
C GLY A 11 -10.72 -13.45 16.12
N HIS A 12 -10.49 -14.69 15.74
CA HIS A 12 -9.84 -15.67 16.60
C HIS A 12 -9.00 -16.62 15.78
N CYS A 13 -8.08 -17.31 16.44
CA CYS A 13 -7.18 -18.22 15.74
C CYS A 13 -8.01 -19.43 15.32
N LYS A 14 -7.99 -19.73 14.03
CA LYS A 14 -8.64 -20.91 13.49
C LYS A 14 -7.80 -22.16 13.79
N TRP A 15 -6.54 -22.12 13.37
CA TRP A 15 -5.53 -23.12 13.72
C TRP A 15 -4.17 -22.51 13.59
N PHE A 16 -3.18 -23.10 14.26
CA PHE A 16 -1.81 -22.66 14.11
C PHE A 16 -0.90 -23.84 14.31
N ASN A 17 0.11 -23.94 13.46
CA ASN A 17 1.03 -25.07 13.46
C ASN A 17 2.44 -24.53 13.67
N VAL A 18 2.97 -24.76 14.88
CA VAL A 18 4.27 -24.25 15.24
C VAL A 18 5.43 -24.92 14.48
N ARG A 19 5.24 -26.16 14.04
CA ARG A 19 6.28 -26.78 13.22
C ARG A 19 6.44 -26.09 11.86
N MET A 20 5.34 -25.61 11.30
N MET A 20 5.33 -25.63 11.30
CA MET A 20 5.33 -24.94 10.02
CA MET A 20 5.31 -24.95 10.00
C MET A 20 5.53 -23.43 10.15
C MET A 20 5.54 -23.43 10.15
N GLY A 21 5.19 -22.90 11.32
CA GLY A 21 5.37 -21.48 11.58
C GLY A 21 4.24 -20.59 11.09
N PHE A 22 3.06 -21.17 10.87
CA PHE A 22 1.90 -20.37 10.45
C PHE A 22 0.58 -21.05 10.78
N GLY A 23 -0.49 -20.31 10.54
CA GLY A 23 -1.84 -20.78 10.66
C GLY A 23 -2.79 -19.82 10.01
N PHE A 24 -4.04 -19.86 10.45
CA PHE A 24 -5.07 -18.96 9.97
C PHE A 24 -5.87 -18.37 11.12
N ILE A 25 -6.26 -17.12 10.91
CA ILE A 25 -7.22 -16.44 11.75
C ILE A 25 -8.55 -16.48 11.04
N SER A 26 -9.60 -16.79 11.76
CA SER A 26 -10.95 -16.60 11.23
C SER A 26 -11.35 -15.16 11.59
N MET A 27 -11.44 -14.32 10.57
CA MET A 27 -11.77 -12.91 10.74
C MET A 27 -13.28 -12.78 10.78
N THR A 28 -13.78 -12.28 11.90
CA THR A 28 -15.23 -12.14 12.12
C THR A 28 -15.71 -10.67 12.11
N SER A 29 -14.77 -9.73 12.07
CA SER A 29 -15.08 -8.30 11.88
CA SER A 29 -15.08 -8.31 11.89
C SER A 29 -13.96 -7.63 11.11
N ARG A 30 -14.31 -6.62 10.32
CA ARG A 30 -13.29 -5.76 9.73
C ARG A 30 -13.76 -4.33 9.61
N GLU A 31 -12.78 -3.44 9.76
CA GLU A 31 -13.02 -2.02 9.74
C GLU A 31 -14.19 -1.62 10.64
N GLY A 32 -14.28 -2.27 11.78
CA GLY A 32 -15.28 -1.91 12.77
C GLY A 32 -16.66 -2.49 12.54
N SER A 33 -16.80 -3.44 11.61
CA SER A 33 -18.12 -4.01 11.29
C SER A 33 -18.07 -5.53 11.29
N PRO A 34 -19.03 -6.20 11.95
CA PRO A 34 -19.01 -7.65 11.93
C PRO A 34 -19.35 -8.16 10.55
N LEU A 35 -18.80 -9.32 10.21
CA LEU A 35 -18.99 -9.91 8.91
C LEU A 35 -20.10 -10.95 8.94
N GLU A 36 -20.94 -10.96 7.92
CA GLU A 36 -21.96 -12.01 7.75
C GLU A 36 -21.29 -13.35 7.47
N ASN A 37 -20.15 -13.35 6.79
CA ASN A 37 -19.43 -14.58 6.48
C ASN A 37 -18.00 -14.40 6.90
N PRO A 38 -17.55 -15.15 7.93
CA PRO A 38 -16.15 -15.03 8.34
C PRO A 38 -15.18 -15.35 7.22
N VAL A 39 -14.00 -14.74 7.27
CA VAL A 39 -12.99 -14.85 6.23
C VAL A 39 -11.66 -15.32 6.84
N ASP A 40 -11.07 -16.38 6.28
CA ASP A 40 -9.77 -16.85 6.79
C ASP A 40 -8.69 -15.87 6.35
N VAL A 41 -7.77 -15.57 7.26
CA VAL A 41 -6.63 -14.71 7.01
C VAL A 41 -5.35 -15.40 7.48
N PHE A 42 -4.41 -15.59 6.58
CA PHE A 42 -3.15 -16.25 6.86
C PHE A 42 -2.42 -15.46 7.92
N VAL A 43 -1.77 -16.19 8.83
CA VAL A 43 -0.94 -15.55 9.84
C VAL A 43 0.41 -16.27 9.99
N HIS A 44 1.50 -15.55 9.73
CA HIS A 44 2.84 -16.12 9.94
C HIS A 44 3.35 -15.82 11.37
N GLN A 45 4.15 -16.74 11.92
CA GLN A 45 4.69 -16.60 13.29
C GLN A 45 5.40 -15.26 13.49
N SER A 46 6.06 -14.75 12.45
CA SER A 46 6.83 -13.52 12.57
C SER A 46 5.99 -12.29 12.88
N LYS A 47 4.68 -12.40 12.67
CA LYS A 47 3.78 -11.26 12.84
C LYS A 47 3.16 -11.15 14.23
N LEU A 48 3.42 -12.14 15.08
CA LEU A 48 2.79 -12.23 16.37
C LEU A 48 3.51 -11.36 17.41
N TYR A 49 2.74 -10.42 17.98
CA TYR A 49 3.18 -9.58 19.07
C TYR A 49 3.19 -10.34 20.40
N MET A 50 4.38 -10.71 20.83
CA MET A 50 4.58 -11.44 22.08
C MET A 50 6.07 -11.66 22.27
N GLU A 51 6.45 -11.86 23.53
CA GLU A 51 7.81 -12.20 23.90
C GLU A 51 8.03 -13.71 23.81
N GLY A 52 9.25 -14.11 23.55
CA GLY A 52 9.58 -15.53 23.51
C GLY A 52 9.07 -16.20 22.24
N PHE A 53 8.92 -17.52 22.30
CA PHE A 53 8.51 -18.29 21.13
C PHE A 53 7.12 -17.86 20.73
N ARG A 54 6.93 -17.61 19.44
CA ARG A 54 5.69 -17.03 18.94
C ARG A 54 4.77 -18.12 18.40
N SER A 55 3.53 -18.13 18.90
CA SER A 55 2.47 -19.01 18.42
C SER A 55 1.10 -18.40 18.77
N LEU A 56 0.04 -18.93 18.15
CA LEU A 56 -1.31 -18.64 18.54
C LEU A 56 -1.93 -19.96 19.02
N LYS A 57 -2.78 -19.86 20.04
CA LYS A 57 -3.55 -21.00 20.51
C LYS A 57 -4.87 -21.00 19.75
N GLU A 58 -5.33 -22.18 19.34
CA GLU A 58 -6.62 -22.34 18.71
C GLU A 58 -7.71 -21.64 19.50
N GLY A 59 -8.49 -20.78 18.83
CA GLY A 59 -9.59 -20.08 19.49
C GLY A 59 -9.25 -18.77 20.18
N GLU A 60 -7.97 -18.44 20.39
CA GLU A 60 -7.68 -17.19 21.10
C GLU A 60 -8.07 -15.97 20.28
N PRO A 61 -8.62 -14.93 20.93
CA PRO A 61 -9.06 -13.73 20.25
C PRO A 61 -7.90 -12.85 19.87
N VAL A 62 -7.99 -12.25 18.68
CA VAL A 62 -6.92 -11.43 18.11
C VAL A 62 -7.48 -10.21 17.41
N GLU A 63 -6.66 -9.17 17.37
CA GLU A 63 -6.88 -7.95 16.63
C GLU A 63 -5.65 -7.77 15.76
N PHE A 64 -5.84 -7.28 14.54
CA PHE A 64 -4.73 -7.27 13.60
C PHE A 64 -4.92 -6.29 12.49
N THR A 65 -3.80 -5.95 11.86
CA THR A 65 -3.81 -5.37 10.53
C THR A 65 -3.59 -6.47 9.48
N PHE A 66 -4.16 -6.28 8.30
CA PHE A 66 -4.01 -7.26 7.22
C PHE A 66 -4.11 -6.60 5.84
N LYS A 67 -3.73 -7.34 4.81
CA LYS A 67 -3.78 -6.88 3.44
C LYS A 67 -3.96 -8.06 2.54
N LYS A 68 -4.66 -7.85 1.44
CA LYS A 68 -4.81 -8.85 0.41
C LYS A 68 -3.43 -9.22 -0.13
N SER A 69 -3.22 -10.50 -0.38
CA SER A 69 -1.93 -10.99 -0.89
C SER A 69 -2.14 -11.88 -2.09
N SER A 70 -1.06 -12.33 -2.73
CA SER A 70 -1.20 -13.15 -3.91
C SER A 70 -1.93 -14.46 -3.61
N LYS A 71 -1.74 -15.02 -2.41
CA LYS A 71 -2.32 -16.33 -2.07
C LYS A 71 -3.61 -16.27 -1.25
N GLY A 72 -4.05 -15.08 -0.89
CA GLY A 72 -5.26 -14.90 -0.07
C GLY A 72 -5.21 -13.55 0.62
N PHE A 73 -5.16 -13.57 1.94
CA PHE A 73 -4.92 -12.39 2.75
C PHE A 73 -3.74 -12.73 3.62
N GLU A 74 -3.09 -11.68 4.11
CA GLU A 74 -1.92 -11.82 4.96
C GLU A 74 -2.07 -10.92 6.18
N SER A 75 -1.87 -11.48 7.39
CA SER A 75 -1.76 -10.68 8.62
C SER A 75 -0.45 -9.93 8.63
N LEU A 76 -0.48 -8.67 9.05
CA LEU A 76 0.73 -7.83 9.09
C LEU A 76 1.26 -7.60 10.51
N ARG A 77 0.37 -7.56 11.50
CA ARG A 77 0.75 -7.50 12.89
C ARG A 77 -0.45 -7.96 13.67
N VAL A 78 -0.24 -8.87 14.62
CA VAL A 78 -1.32 -9.54 15.30
C VAL A 78 -1.13 -9.40 16.78
N THR A 79 -2.19 -9.00 17.48
CA THR A 79 -2.13 -8.87 18.94
C THR A 79 -3.35 -9.55 19.54
N GLY A 80 -3.38 -9.64 20.87
CA GLY A 80 -4.61 -9.91 21.58
C GLY A 80 -5.55 -8.71 21.65
N PRO A 81 -6.66 -8.86 22.37
CA PRO A 81 -7.62 -7.77 22.52
C PRO A 81 -6.93 -6.52 23.08
N GLY A 82 -7.23 -5.36 22.54
CA GLY A 82 -6.70 -4.10 23.06
C GLY A 82 -5.22 -3.89 22.86
N GLY A 83 -4.61 -4.70 21.99
CA GLY A 83 -3.19 -4.58 21.70
C GLY A 83 -2.29 -5.29 22.68
N ASN A 84 -2.84 -6.07 23.60
CA ASN A 84 -2.02 -6.82 24.53
C ASN A 84 -1.34 -7.97 23.75
N PRO A 85 -0.29 -8.55 24.33
CA PRO A 85 0.41 -9.65 23.67
C PRO A 85 -0.49 -10.85 23.42
N CYS A 86 -0.25 -11.54 22.30
CA CYS A 86 -0.94 -12.80 22.05
C CYS A 86 -0.54 -13.77 23.15
N LEU A 87 -1.38 -14.79 23.37
CA LEU A 87 -1.15 -15.74 24.46
C LEU A 87 -0.29 -16.91 23.98
N GLY A 88 -0.70 -17.49 22.87
CA GLY A 88 -0.05 -18.67 22.32
C GLY A 88 -0.24 -19.89 23.18
N ASN A 89 0.52 -20.93 22.87
CA ASN A 89 0.49 -22.18 23.61
C ASN A 89 1.27 -22.07 24.91
N ASP C 3 -0.61 -1.66 26.18
CA ASP C 3 0.79 -1.62 25.77
C ASP C 3 1.08 -0.34 25.03
N PRO C 4 2.30 -0.16 24.59
CA PRO C 4 2.61 1.13 23.99
C PRO C 4 1.80 1.36 22.70
N GLN C 5 1.42 2.62 22.53
CA GLN C 5 0.59 3.13 21.45
C GLN C 5 1.31 2.96 20.14
N VAL C 6 0.61 2.49 19.14
CA VAL C 6 1.18 2.36 17.80
C VAL C 6 0.86 3.62 17.01
N LEU C 7 1.90 4.27 16.50
CA LEU C 7 1.77 5.52 15.80
C LEU C 7 2.29 5.38 14.34
N ARG C 8 1.95 6.36 13.53
CA ARG C 8 2.44 6.41 12.15
C ARG C 8 3.43 7.55 12.01
N GLY C 9 4.43 7.35 11.17
CA GLY C 9 5.36 8.43 10.82
C GLY C 9 5.90 8.23 9.40
N SER C 10 6.67 9.20 8.96
CA SER C 10 7.35 9.11 7.69
C SER C 10 8.71 9.76 7.85
N GLY C 11 9.58 9.44 6.92
CA GLY C 11 10.93 9.96 6.97
C GLY C 11 11.75 9.33 5.89
N HIS C 12 13.03 9.20 6.16
CA HIS C 12 13.94 8.57 5.24
C HIS C 12 14.99 7.75 5.97
N CYS C 13 15.55 6.75 5.31
CA CYS C 13 16.55 5.96 5.96
C CYS C 13 17.79 6.80 6.31
N LYS C 14 18.18 6.79 7.58
CA LYS C 14 19.39 7.48 8.04
CA LYS C 14 19.40 7.49 8.05
C LYS C 14 20.62 6.63 7.74
N TRP C 15 20.59 5.38 8.19
CA TRP C 15 21.61 4.39 7.80
C TRP C 15 21.01 2.99 7.93
N PHE C 16 21.59 2.02 7.22
CA PHE C 16 21.20 0.63 7.36
C PHE C 16 22.38 -0.28 7.02
N ASN C 17 22.71 -1.17 7.96
CA ASN C 17 23.87 -2.03 7.82
C ASN C 17 23.37 -3.45 7.61
N VAL C 18 23.58 -3.94 6.38
CA VAL C 18 23.10 -5.26 5.97
C VAL C 18 23.86 -6.40 6.64
N ARG C 19 25.00 -6.14 7.27
CA ARG C 19 25.64 -7.19 8.07
C ARG C 19 25.00 -7.31 9.45
N MET C 20 24.54 -6.19 9.99
CA MET C 20 23.83 -6.16 11.25
C MET C 20 22.36 -6.52 11.11
N GLY C 21 21.79 -6.24 9.95
CA GLY C 21 20.37 -6.42 9.71
C GLY C 21 19.47 -5.39 10.38
N PHE C 22 20.02 -4.21 10.66
CA PHE C 22 19.21 -3.14 11.19
C PHE C 22 19.83 -1.81 10.85
N GLY C 23 19.08 -0.77 11.14
CA GLY C 23 19.54 0.60 10.97
C GLY C 23 18.57 1.56 11.64
N PHE C 24 18.61 2.81 11.23
CA PHE C 24 17.71 3.82 11.75
C PHE C 24 17.06 4.63 10.65
N ILE C 25 15.79 4.95 10.87
CA ILE C 25 15.06 5.90 10.04
C ILE C 25 15.14 7.29 10.71
N SER C 26 15.35 8.33 9.92
CA SER C 26 15.20 9.67 10.40
CA SER C 26 15.17 9.69 10.41
C SER C 26 13.71 10.05 10.21
N MET C 27 12.96 10.10 11.30
CA MET C 27 11.53 10.43 11.23
C MET C 27 11.38 11.96 11.15
N THR C 28 10.69 12.43 10.13
CA THR C 28 10.52 13.88 9.91
C THR C 28 9.05 14.33 9.99
N SER C 29 8.13 13.37 10.04
CA SER C 29 6.72 13.66 10.33
C SER C 29 6.15 12.53 11.16
N ARG C 30 5.14 12.85 11.97
CA ARG C 30 4.55 11.89 12.89
C ARG C 30 3.08 12.22 12.99
N GLU C 31 2.24 11.20 12.84
CA GLU C 31 0.78 11.37 12.89
C GLU C 31 0.29 12.49 11.97
N GLY C 32 0.94 12.60 10.81
CA GLY C 32 0.55 13.60 9.83
C GLY C 32 1.00 15.03 10.09
N SER C 33 1.87 15.24 11.08
CA SER C 33 2.40 16.57 11.36
C SER C 33 3.92 16.59 11.28
N PRO C 34 4.48 17.73 10.83
CA PRO C 34 5.94 17.82 10.73
C PRO C 34 6.57 17.89 12.10
N LEU C 35 7.74 17.29 12.24
CA LEU C 35 8.50 17.41 13.46
C LEU C 35 9.46 18.59 13.34
N GLU C 36 9.62 19.31 14.43
CA GLU C 36 10.54 20.43 14.48
C GLU C 36 11.98 19.97 14.23
N ASN C 37 12.36 18.83 14.80
CA ASN C 37 13.67 18.25 14.55
C ASN C 37 13.48 16.76 14.26
N PRO C 38 14.25 16.22 13.30
CA PRO C 38 14.10 14.79 13.04
C PRO C 38 14.44 13.91 14.26
N VAL C 39 13.79 12.75 14.32
CA VAL C 39 13.92 11.81 15.43
C VAL C 39 14.33 10.44 14.88
N ASP C 40 15.39 9.84 15.46
CA ASP C 40 15.84 8.52 15.02
C ASP C 40 14.83 7.43 15.48
N VAL C 41 14.50 6.52 14.56
CA VAL C 41 13.63 5.39 14.84
C VAL C 41 14.31 4.10 14.37
N PHE C 42 14.49 3.17 15.28
CA PHE C 42 15.17 1.91 14.98
C PHE C 42 14.36 1.13 13.96
N VAL C 43 15.07 0.43 13.09
CA VAL C 43 14.40 -0.46 12.11
C VAL C 43 15.18 -1.75 11.90
N HIS C 44 14.49 -2.85 12.21
CA HIS C 44 15.02 -4.18 11.93
C HIS C 44 14.60 -4.69 10.56
N GLN C 45 15.49 -5.43 9.89
CA GLN C 45 15.23 -5.96 8.54
C GLN C 45 13.89 -6.72 8.43
N SER C 46 13.43 -7.34 9.51
CA SER C 46 12.20 -8.17 9.43
C SER C 46 10.93 -7.34 9.23
N LYS C 47 11.04 -6.03 9.48
CA LYS C 47 9.90 -5.13 9.38
C LYS C 47 9.77 -4.51 7.97
N LEU C 48 10.72 -4.77 7.09
CA LEU C 48 10.71 -4.11 5.79
C LEU C 48 9.81 -4.78 4.78
N TYR C 49 8.84 -4.03 4.26
CA TYR C 49 7.97 -4.54 3.21
C TYR C 49 8.69 -4.54 1.86
N MET C 50 9.09 -5.74 1.42
CA MET C 50 9.72 -5.97 0.13
C MET C 50 9.97 -7.45 -0.04
N GLU C 51 10.15 -7.87 -1.29
CA GLU C 51 10.47 -9.27 -1.56
C GLU C 51 11.97 -9.51 -1.51
N GLY C 52 12.36 -10.74 -1.21
CA GLY C 52 13.77 -11.12 -1.26
C GLY C 52 14.55 -10.57 -0.07
N PHE C 53 15.82 -10.25 -0.31
CA PHE C 53 16.67 -9.75 0.77
C PHE C 53 16.21 -8.35 1.15
N ARG C 54 16.03 -8.17 2.45
CA ARG C 54 15.44 -6.95 2.98
C ARG C 54 16.49 -5.97 3.49
N SER C 55 16.48 -4.79 2.89
CA SER C 55 17.35 -3.71 3.30
C SER C 55 16.72 -2.36 2.98
N LEU C 56 17.27 -1.32 3.59
CA LEU C 56 17.01 0.05 3.17
C LEU C 56 18.28 0.65 2.63
N LYS C 57 18.11 1.46 1.58
CA LYS C 57 19.13 2.28 1.02
C LYS C 57 19.17 3.59 1.79
N GLU C 58 20.36 4.03 2.18
CA GLU C 58 20.52 5.36 2.80
CA GLU C 58 20.53 5.33 2.83
C GLU C 58 19.76 6.38 2.00
N GLY C 59 18.94 7.17 2.69
CA GLY C 59 18.20 8.23 2.07
C GLY C 59 16.83 7.88 1.51
N GLU C 60 16.51 6.59 1.36
CA GLU C 60 15.24 6.25 0.73
C GLU C 60 14.03 6.70 1.57
N PRO C 61 12.98 7.18 0.90
CA PRO C 61 11.80 7.67 1.63
C PRO C 61 10.95 6.51 2.12
N VAL C 62 10.53 6.60 3.37
CA VAL C 62 9.76 5.53 3.99
C VAL C 62 8.52 6.07 4.72
N GLU C 63 7.53 5.20 4.88
N GLU C 63 7.55 5.20 4.86
CA GLU C 63 6.34 5.42 5.66
CA GLU C 63 6.39 5.40 5.68
C GLU C 63 6.29 4.25 6.64
C GLU C 63 6.29 4.20 6.65
N PHE C 64 5.85 4.45 7.87
CA PHE C 64 5.94 3.36 8.86
C PHE C 64 5.01 3.51 10.04
N THR C 65 4.74 2.37 10.65
CA THR C 65 4.17 2.34 11.98
C THR C 65 5.31 2.13 12.94
N PHE C 66 5.14 2.64 14.16
CA PHE C 66 6.15 2.53 15.23
C PHE C 66 5.56 2.67 16.62
N LYS C 67 6.34 2.30 17.63
CA LYS C 67 5.95 2.46 19.01
C LYS C 67 7.19 2.84 19.83
N LYS C 68 6.95 3.43 20.99
CA LYS C 68 8.00 3.70 21.95
C LYS C 68 8.43 2.39 22.52
N SER C 69 9.73 2.10 22.54
CA SER C 69 10.24 0.87 23.07
CA SER C 69 10.17 0.87 23.12
C SER C 69 11.15 1.15 24.20
N SER C 70 11.45 0.09 24.91
CA SER C 70 12.22 0.26 26.12
C SER C 70 13.54 0.80 25.68
N LYS C 71 14.12 0.29 24.60
CA LYS C 71 15.33 0.85 23.99
C LYS C 71 15.27 2.13 23.20
N GLY C 72 14.14 2.82 22.88
N GLY C 72 14.14 2.80 22.80
CA GLY C 72 13.94 3.97 22.01
CA GLY C 72 14.01 4.00 21.97
C GLY C 72 12.77 3.56 21.15
C GLY C 72 12.63 4.14 21.34
N PHE C 73 12.54 4.21 20.10
CA PHE C 73 11.38 3.90 19.24
C PHE C 73 11.68 2.68 18.39
N GLU C 74 10.63 1.96 18.01
CA GLU C 74 10.76 0.73 17.25
C GLU C 74 9.80 0.74 16.08
N SER C 75 10.33 0.60 14.85
CA SER C 75 9.50 0.46 13.64
C SER C 75 8.80 -0.89 13.72
N LEU C 76 7.52 -0.93 13.34
CA LEU C 76 6.74 -2.18 13.33
C LEU C 76 6.43 -2.72 11.92
N ARG C 77 6.36 -1.82 10.94
CA ARG C 77 6.25 -2.18 9.53
C ARG C 77 6.62 -0.95 8.73
N VAL C 78 7.51 -1.15 7.77
CA VAL C 78 8.09 -0.03 7.02
C VAL C 78 7.85 -0.31 5.52
N THR C 79 7.32 0.70 4.84
CA THR C 79 7.13 0.66 3.39
C THR C 79 7.74 1.86 2.73
N GLY C 80 7.82 1.84 1.40
CA GLY C 80 8.01 3.10 0.68
C GLY C 80 6.74 3.94 0.62
N PRO C 81 6.81 5.07 -0.11
CA PRO C 81 5.67 5.95 -0.34
C PRO C 81 4.51 5.16 -0.90
N GLY C 82 3.32 5.49 -0.43
CA GLY C 82 2.11 4.88 -0.93
C GLY C 82 1.94 3.42 -0.57
N GLY C 83 2.72 2.90 0.37
CA GLY C 83 2.63 1.48 0.73
C GLY C 83 3.39 0.55 -0.20
N ASN C 84 4.15 1.13 -1.13
CA ASN C 84 4.93 0.34 -2.06
C ASN C 84 6.10 -0.32 -1.34
N PRO C 85 6.71 -1.33 -1.98
CA PRO C 85 7.87 -1.96 -1.38
C PRO C 85 8.99 -0.99 -1.18
N CYS C 86 9.80 -1.23 -0.15
CA CYS C 86 11.01 -0.47 0.02
C CYS C 86 11.94 -0.77 -1.13
N LEU C 87 12.89 0.11 -1.31
CA LEU C 87 13.83 0.05 -2.40
C LEU C 87 15.01 -0.87 -2.10
N GLY C 88 15.69 -0.61 -0.98
CA GLY C 88 16.87 -1.37 -0.61
C GLY C 88 18.08 -1.14 -1.50
N ASN C 89 19.11 -1.90 -1.23
CA ASN C 89 20.31 -1.87 -2.03
C ASN C 89 20.17 -2.74 -3.27
N SER E 2 27.50 12.43 -3.32
CA SER E 2 26.30 11.79 -2.71
C SER E 2 25.18 12.80 -2.53
N ASP E 3 23.97 12.33 -2.63
CA ASP E 3 22.78 13.15 -2.51
C ASP E 3 21.67 12.13 -2.35
N PRO E 4 21.64 11.45 -1.18
CA PRO E 4 21.02 10.15 -1.12
C PRO E 4 19.49 10.10 -1.22
N GLN E 5 18.82 11.22 -0.95
CA GLN E 5 17.36 11.26 -1.04
C GLN E 5 16.84 11.49 -2.45
N VAL E 6 17.72 11.80 -3.40
CA VAL E 6 17.29 12.02 -4.77
C VAL E 6 17.19 10.70 -5.52
N LEU E 7 15.99 10.41 -6.01
CA LEU E 7 15.73 9.18 -6.73
C LEU E 7 15.22 9.50 -8.13
N ARG E 8 15.13 8.45 -8.96
CA ARG E 8 14.61 8.53 -10.31
C ARG E 8 13.29 7.80 -10.39
N GLY E 9 12.37 8.36 -11.14
CA GLY E 9 11.06 7.73 -11.36
C GLY E 9 10.57 8.01 -12.77
N SER E 10 9.44 7.41 -13.09
CA SER E 10 8.78 7.69 -14.33
C SER E 10 7.28 7.51 -14.13
N GLY E 11 6.50 8.02 -15.08
CA GLY E 11 5.06 8.00 -14.98
C GLY E 11 4.47 8.84 -16.08
N HIS E 12 3.38 9.51 -15.74
CA HIS E 12 2.74 10.43 -16.69
C HIS E 12 2.14 11.59 -15.95
N CYS E 13 1.84 12.66 -16.69
CA CYS E 13 1.25 13.84 -16.08
C CYS E 13 -0.18 13.54 -15.62
N LYS E 14 -0.45 13.79 -14.35
CA LYS E 14 -1.81 13.62 -13.79
C LYS E 14 -2.67 14.82 -14.19
N TRP E 15 -2.21 16.00 -13.81
CA TRP E 15 -2.79 17.25 -14.28
C TRP E 15 -1.76 18.33 -14.19
N PHE E 16 -2.00 19.40 -14.93
CA PHE E 16 -1.11 20.56 -14.89
C PHE E 16 -1.89 21.83 -15.17
N ASN E 17 -1.61 22.88 -14.39
CA ASN E 17 -2.36 24.11 -14.45
C ASN E 17 -1.38 25.24 -14.75
N VAL E 18 -1.44 25.76 -15.97
CA VAL E 18 -0.47 26.75 -16.40
C VAL E 18 -0.72 28.13 -15.78
N ARG E 19 -1.94 28.41 -15.34
CA ARG E 19 -2.15 29.66 -14.65
C ARG E 19 -1.43 29.65 -13.29
N MET E 20 -1.35 28.48 -12.66
CA MET E 20 -0.71 28.40 -11.35
C MET E 20 0.75 28.06 -11.48
N GLY E 21 1.13 27.46 -12.61
CA GLY E 21 2.51 27.07 -12.83
C GLY E 21 2.97 25.75 -12.18
N PHE E 22 2.04 24.88 -11.86
CA PHE E 22 2.39 23.56 -11.33
C PHE E 22 1.29 22.53 -11.58
N GLY E 23 1.63 21.29 -11.26
CA GLY E 23 0.69 20.20 -11.31
C GLY E 23 1.26 18.99 -10.62
N PHE E 24 0.82 17.81 -11.06
CA PHE E 24 1.26 16.56 -10.48
C PHE E 24 1.50 15.51 -11.53
N ILE E 25 2.55 14.75 -11.27
CA ILE E 25 2.89 13.56 -12.00
C ILE E 25 2.35 12.37 -11.23
N SER E 26 1.74 11.42 -11.94
CA SER E 26 1.45 10.09 -11.36
C SER E 26 2.69 9.23 -11.62
N MET E 27 3.47 8.97 -10.57
CA MET E 27 4.66 8.11 -10.65
C MET E 27 4.21 6.65 -10.61
N THR E 28 4.46 5.94 -11.70
CA THR E 28 4.09 4.53 -11.86
C THR E 28 5.26 3.55 -11.78
N SER E 29 6.49 4.07 -11.85
CA SER E 29 7.71 3.30 -11.64
C SER E 29 8.73 4.14 -10.88
N ARG E 30 9.57 3.50 -10.07
CA ARG E 30 10.73 4.21 -9.55
C ARG E 30 11.95 3.35 -9.54
N GLU E 31 13.08 3.96 -9.85
CA GLU E 31 14.32 3.27 -10.02
C GLU E 31 14.18 2.03 -10.93
N GLY E 32 13.34 2.16 -11.96
CA GLY E 32 13.14 1.09 -12.94
C GLY E 32 12.13 0.02 -12.62
N SER E 33 11.53 0.07 -11.43
CA SER E 33 10.58 -0.95 -10.99
C SER E 33 9.20 -0.34 -10.87
N PRO E 34 8.17 -1.06 -11.34
CA PRO E 34 6.81 -0.57 -11.26
C PRO E 34 6.24 -0.61 -9.87
N LEU E 35 5.42 0.40 -9.55
CA LEU E 35 4.80 0.54 -8.26
C LEU E 35 3.44 -0.11 -8.24
N GLU E 36 3.20 -0.90 -7.21
CA GLU E 36 1.88 -1.48 -6.99
C GLU E 36 0.84 -0.39 -6.75
N ASN E 37 1.28 0.76 -6.21
CA ASN E 37 0.39 1.89 -5.96
C ASN E 37 1.03 3.17 -6.48
N PRO E 38 0.46 3.76 -7.55
CA PRO E 38 1.05 5.01 -8.05
C PRO E 38 1.10 6.10 -6.99
N VAL E 39 2.12 6.95 -7.06
CA VAL E 39 2.37 7.97 -6.07
C VAL E 39 2.40 9.31 -6.78
N ASP E 40 1.64 10.28 -6.26
CA ASP E 40 1.62 11.63 -6.85
C ASP E 40 2.91 12.36 -6.46
N VAL E 41 3.50 13.04 -7.44
CA VAL E 41 4.73 13.81 -7.27
C VAL E 41 4.53 15.21 -7.84
N PHE E 42 4.66 16.20 -6.98
CA PHE E 42 4.53 17.60 -7.37
C PHE E 42 5.52 17.97 -8.47
N VAL E 43 5.05 18.76 -9.44
CA VAL E 43 5.90 19.29 -10.47
C VAL E 43 5.62 20.78 -10.73
N HIS E 44 6.66 21.59 -10.54
CA HIS E 44 6.61 23.00 -10.84
C HIS E 44 7.09 23.25 -12.28
N GLN E 45 6.50 24.27 -12.92
CA GLN E 45 6.83 24.61 -14.31
C GLN E 45 8.35 24.79 -14.53
N SER E 46 9.05 25.27 -13.52
CA SER E 46 10.48 25.60 -13.67
C SER E 46 11.35 24.36 -13.88
N LYS E 47 10.81 23.19 -13.54
CA LYS E 47 11.54 21.92 -13.62
C LYS E 47 11.38 21.23 -14.97
N LEU E 48 10.54 21.76 -15.86
CA LEU E 48 10.24 21.12 -17.14
C LEU E 48 11.28 21.40 -18.22
N TYR E 49 11.89 20.32 -18.70
CA TYR E 49 12.89 20.40 -19.76
C TYR E 49 12.19 20.50 -21.13
N MET E 50 12.23 21.69 -21.68
CA MET E 50 11.65 22.01 -22.99
C MET E 50 11.95 23.47 -23.27
N GLU E 51 11.87 23.83 -24.55
CA GLU E 51 12.02 25.21 -24.98
C GLU E 51 10.66 25.91 -24.92
N GLY E 52 10.69 27.22 -24.77
CA GLY E 52 9.48 28.03 -24.87
C GLY E 52 8.67 27.88 -23.61
N PHE E 53 7.39 28.20 -23.71
CA PHE E 53 6.54 28.15 -22.54
C PHE E 53 6.46 26.70 -22.03
N ARG E 54 6.61 26.54 -20.72
CA ARG E 54 6.72 25.21 -20.09
C ARG E 54 5.38 24.75 -19.53
N SER E 55 4.94 23.56 -19.94
CA SER E 55 3.74 22.95 -19.37
C SER E 55 3.83 21.46 -19.62
N LEU E 56 3.01 20.68 -18.93
CA LEU E 56 2.77 19.28 -19.26
C LEU E 56 1.32 19.12 -19.71
N LYS E 57 1.12 18.19 -20.64
CA LYS E 57 -0.20 17.82 -21.12
C LYS E 57 -0.62 16.61 -20.31
N GLU E 58 -1.87 16.58 -19.84
CA GLU E 58 -2.40 15.43 -19.13
C GLU E 58 -2.08 14.16 -19.87
N GLY E 59 -1.56 13.16 -19.14
CA GLY E 59 -1.26 11.86 -19.72
C GLY E 59 0.09 11.69 -20.38
N GLU E 60 0.83 12.77 -20.65
CA GLU E 60 2.09 12.62 -21.38
C GLU E 60 3.10 11.86 -20.52
N PRO E 61 3.91 10.98 -21.16
CA PRO E 61 4.85 10.18 -20.38
C PRO E 61 6.04 11.02 -19.97
N VAL E 62 6.46 10.86 -18.73
CA VAL E 62 7.60 11.61 -18.22
C VAL E 62 8.62 10.70 -17.50
N GLU E 63 9.84 11.20 -17.40
CA GLU E 63 10.89 10.64 -16.54
C GLU E 63 11.39 11.80 -15.71
N PHE E 64 11.84 11.54 -14.47
CA PHE E 64 12.22 12.64 -13.59
C PHE E 64 13.09 12.18 -12.43
N THR E 65 13.84 13.15 -11.90
CA THR E 65 14.40 13.03 -10.57
C THR E 65 13.45 13.68 -9.57
N PHE E 66 13.44 13.15 -8.36
CA PHE E 66 12.55 13.65 -7.32
C PHE E 66 13.15 13.40 -5.95
N LYS E 67 12.60 14.12 -4.98
CA LYS E 67 13.03 14.02 -3.60
C LYS E 67 11.82 14.24 -2.70
N LYS E 68 11.77 13.51 -1.61
CA LYS E 68 10.78 13.77 -0.55
C LYS E 68 10.86 15.22 -0.06
N SER E 69 9.69 15.78 0.22
CA SER E 69 9.60 17.16 0.70
C SER E 69 8.65 17.25 1.88
N SER E 70 8.61 18.42 2.51
CA SER E 70 7.70 18.63 3.64
C SER E 70 6.26 18.30 3.28
N LYS E 71 5.88 18.61 2.05
CA LYS E 71 4.48 18.57 1.60
C LYS E 71 4.13 17.34 0.75
N GLY E 72 5.12 16.48 0.50
CA GLY E 72 4.89 15.24 -0.27
C GLY E 72 6.18 14.81 -0.98
N PHE E 73 6.17 14.90 -2.31
CA PHE E 73 7.37 14.71 -3.12
C PHE E 73 7.51 15.85 -4.10
N GLU E 74 8.76 16.21 -4.41
CA GLU E 74 9.07 17.27 -5.37
C GLU E 74 9.90 16.77 -6.55
N SER E 75 9.41 17.01 -7.78
CA SER E 75 10.19 16.82 -9.01
C SER E 75 11.29 17.82 -9.07
N LEU E 76 12.50 17.38 -9.44
CA LEU E 76 13.66 18.26 -9.52
C LEU E 76 14.07 18.56 -10.98
N ARG E 77 13.82 17.61 -11.88
CA ARG E 77 13.97 17.80 -13.31
C ARG E 77 13.05 16.81 -13.98
N VAL E 78 12.29 17.28 -14.97
CA VAL E 78 11.30 16.45 -15.67
C VAL E 78 11.53 16.51 -17.16
N THR E 79 11.60 15.33 -17.77
CA THR E 79 11.74 15.21 -19.21
C THR E 79 10.69 14.25 -19.70
N GLY E 80 10.63 14.10 -21.02
CA GLY E 80 9.90 12.99 -21.62
C GLY E 80 10.75 11.71 -21.65
N PRO E 81 10.23 10.64 -22.27
CA PRO E 81 11.01 9.42 -22.45
C PRO E 81 12.41 9.69 -22.99
N GLY E 82 13.42 9.04 -22.38
CA GLY E 82 14.79 9.10 -22.90
C GLY E 82 15.48 10.43 -22.70
N GLY E 83 14.97 11.23 -21.76
CA GLY E 83 15.53 12.56 -21.52
C GLY E 83 15.20 13.59 -22.56
N ASN E 84 14.22 13.27 -23.41
CA ASN E 84 13.80 14.19 -24.48
C ASN E 84 12.95 15.33 -23.90
N PRO E 85 12.77 16.42 -24.66
CA PRO E 85 11.91 17.50 -24.18
C PRO E 85 10.50 17.06 -23.89
N CYS E 86 9.92 17.65 -22.85
CA CYS E 86 8.50 17.44 -22.61
C CYS E 86 7.69 17.99 -23.77
N LEU E 87 6.48 17.49 -23.94
CA LEU E 87 5.61 17.95 -25.00
C LEU E 87 4.84 19.23 -24.66
N GLY E 88 4.12 19.16 -23.55
CA GLY E 88 3.24 20.23 -23.12
C GLY E 88 2.00 20.38 -23.97
N ASN E 89 1.26 21.46 -23.70
CA ASN E 89 0.06 21.78 -24.42
C ASN E 89 0.34 22.31 -25.82
N SER G 2 -17.79 -9.49 -26.05
CA SER G 2 -18.81 -10.41 -26.51
C SER G 2 -18.71 -11.89 -26.03
N ASP G 3 -17.55 -12.52 -25.78
CA ASP G 3 -17.74 -13.93 -25.34
C ASP G 3 -18.61 -13.73 -24.15
N PRO G 4 -19.67 -14.51 -23.98
CA PRO G 4 -20.58 -14.27 -22.87
C PRO G 4 -20.24 -15.07 -21.59
N GLN G 5 -19.16 -15.81 -21.50
CA GLN G 5 -19.04 -16.62 -20.28
C GLN G 5 -18.97 -15.72 -19.08
N VAL G 6 -19.51 -16.18 -17.98
CA VAL G 6 -19.30 -15.44 -16.73
C VAL G 6 -18.09 -16.05 -16.05
N LEU G 7 -17.16 -15.19 -15.67
CA LEU G 7 -15.94 -15.59 -14.98
C LEU G 7 -15.91 -15.00 -13.56
N ARG G 8 -15.04 -15.59 -12.73
CA ARG G 8 -14.79 -15.11 -11.37
C ARG G 8 -13.40 -14.52 -11.23
N GLY G 9 -13.30 -13.45 -10.46
CA GLY G 9 -12.02 -12.84 -10.15
C GLY G 9 -11.99 -12.20 -8.77
N SER G 10 -10.80 -11.80 -8.33
CA SER G 10 -10.69 -10.99 -7.13
C SER G 10 -9.64 -9.93 -7.37
N GLY G 11 -9.60 -8.94 -6.49
CA GLY G 11 -8.72 -7.83 -6.72
C GLY G 11 -8.92 -6.74 -5.69
N HIS G 12 -8.57 -5.51 -6.09
CA HIS G 12 -8.77 -4.38 -5.22
C HIS G 12 -9.22 -3.19 -6.07
N CYS G 13 -9.94 -2.27 -5.47
CA CYS G 13 -10.29 -1.08 -6.23
C CYS G 13 -9.05 -0.28 -6.67
N LYS G 14 -8.96 -0.02 -7.98
CA LYS G 14 -7.92 0.82 -8.57
CA LYS G 14 -7.91 0.81 -8.55
C LYS G 14 -8.30 2.29 -8.38
N TRP G 15 -9.48 2.66 -8.87
CA TRP G 15 -10.06 3.98 -8.63
C TRP G 15 -11.56 3.89 -8.74
N PHE G 16 -12.27 4.83 -8.12
CA PHE G 16 -13.71 4.90 -8.30
C PHE G 16 -14.14 6.35 -8.09
N ASN G 17 -14.87 6.90 -9.06
CA ASN G 17 -15.27 8.29 -9.01
C ASN G 17 -16.77 8.37 -8.73
N VAL G 18 -17.13 8.88 -7.55
CA VAL G 18 -18.53 8.86 -7.14
C VAL G 18 -19.39 9.90 -7.89
N ARG G 19 -18.76 10.79 -8.67
CA ARG G 19 -19.51 11.70 -9.52
C ARG G 19 -19.90 10.99 -10.80
N MET G 20 -18.99 10.16 -11.30
CA MET G 20 -19.23 9.34 -12.50
C MET G 20 -20.10 8.13 -12.22
N GLY G 21 -19.99 7.56 -11.01
CA GLY G 21 -20.70 6.33 -10.64
C GLY G 21 -20.05 5.07 -11.19
N PHE G 22 -18.75 5.14 -11.47
CA PHE G 22 -18.00 3.97 -11.92
C PHE G 22 -16.53 4.14 -11.64
N GLY G 23 -15.83 3.03 -11.81
CA GLY G 23 -14.38 3.03 -11.73
C GLY G 23 -13.83 1.73 -12.27
N PHE G 24 -12.66 1.35 -11.77
CA PHE G 24 -12.03 0.11 -12.21
C PHE G 24 -11.44 -0.64 -11.05
N ILE G 25 -11.56 -1.96 -11.14
CA ILE G 25 -10.93 -2.91 -10.24
C ILE G 25 -9.60 -3.38 -10.89
N SER G 26 -8.56 -3.48 -10.09
CA SER G 26 -7.35 -4.18 -10.49
C SER G 26 -7.56 -5.63 -10.14
N MET G 27 -7.83 -6.45 -11.13
CA MET G 27 -7.97 -7.89 -10.94
C MET G 27 -6.61 -8.55 -10.77
N THR G 28 -6.42 -9.20 -9.62
CA THR G 28 -5.15 -9.85 -9.30
C THR G 28 -5.27 -11.38 -9.22
N SER G 29 -6.51 -11.88 -9.30
CA SER G 29 -6.74 -13.32 -9.39
C SER G 29 -7.88 -13.51 -10.36
N ARG G 30 -7.78 -14.54 -11.20
CA ARG G 30 -8.77 -14.85 -12.23
C ARG G 30 -9.07 -16.34 -12.20
N GLU G 31 -10.33 -16.72 -12.00
CA GLU G 31 -10.73 -18.13 -11.97
C GLU G 31 -9.84 -18.98 -11.04
N GLY G 32 -9.48 -18.39 -9.90
CA GLY G 32 -8.65 -19.09 -8.91
C GLY G 32 -7.13 -19.00 -9.11
N SER G 33 -6.69 -18.38 -10.18
CA SER G 33 -5.26 -18.33 -10.46
C SER G 33 -4.71 -16.93 -10.30
N PRO G 34 -3.58 -16.79 -9.57
CA PRO G 34 -3.06 -15.44 -9.35
C PRO G 34 -2.54 -14.83 -10.63
N LEU G 35 -2.74 -13.53 -10.77
CA LEU G 35 -2.16 -12.76 -11.87
C LEU G 35 -1.01 -11.92 -11.34
N GLU G 36 0.16 -12.08 -11.93
CA GLU G 36 1.34 -11.35 -11.51
C GLU G 36 1.16 -9.86 -11.84
N ASN G 37 0.54 -9.59 -12.97
CA ASN G 37 0.29 -8.23 -13.43
C ASN G 37 -1.21 -8.05 -13.49
N PRO G 38 -1.75 -7.03 -12.82
CA PRO G 38 -3.21 -6.97 -12.75
C PRO G 38 -3.86 -6.55 -14.05
N VAL G 39 -5.16 -6.86 -14.17
CA VAL G 39 -5.98 -6.51 -15.31
C VAL G 39 -7.07 -5.56 -14.84
N ASP G 40 -7.26 -4.44 -15.56
CA ASP G 40 -8.35 -3.52 -15.22
C ASP G 40 -9.70 -4.14 -15.58
N VAL G 41 -10.65 -4.10 -14.65
CA VAL G 41 -12.02 -4.56 -14.92
C VAL G 41 -12.97 -3.41 -14.56
N PHE G 42 -13.81 -3.00 -15.49
CA PHE G 42 -14.77 -1.93 -15.24
C PHE G 42 -15.76 -2.32 -14.14
N VAL G 43 -16.17 -1.33 -13.36
CA VAL G 43 -17.18 -1.52 -12.31
C VAL G 43 -18.13 -0.32 -12.20
N HIS G 44 -19.42 -0.61 -12.35
CA HIS G 44 -20.43 0.40 -12.19
C HIS G 44 -21.00 0.32 -10.78
N GLN G 45 -21.45 1.45 -10.25
CA GLN G 45 -21.95 1.50 -8.86
C GLN G 45 -23.12 0.55 -8.62
N SER G 46 -23.91 0.33 -9.66
CA SER G 46 -25.10 -0.53 -9.54
C SER G 46 -24.76 -1.97 -9.19
N LYS G 47 -23.50 -2.39 -9.38
CA LYS G 47 -23.09 -3.77 -9.14
C LYS G 47 -22.52 -4.01 -7.75
N LEU G 48 -22.39 -2.96 -6.95
CA LEU G 48 -21.76 -3.03 -5.62
C LEU G 48 -22.72 -3.51 -4.57
N TYR G 49 -22.33 -4.60 -3.92
CA TYR G 49 -23.09 -5.16 -2.84
C TYR G 49 -22.80 -4.41 -1.55
N MET G 50 -23.76 -3.58 -1.14
CA MET G 50 -23.68 -2.78 0.07
C MET G 50 -25.01 -2.04 0.17
N GLU G 51 -25.32 -1.57 1.37
CA GLU G 51 -26.52 -0.78 1.60
C GLU G 51 -26.19 0.69 1.44
N GLY G 52 -27.19 1.50 1.12
CA GLY G 52 -27.02 2.94 0.98
C GLY G 52 -26.33 3.35 -0.30
N PHE G 53 -25.67 4.50 -0.27
CA PHE G 53 -24.90 4.97 -1.42
C PHE G 53 -23.76 4.00 -1.70
N ARG G 54 -23.67 3.59 -2.95
CA ARG G 54 -22.72 2.56 -3.38
C ARG G 54 -21.45 3.20 -3.98
N SER G 55 -20.32 2.89 -3.35
CA SER G 55 -19.01 3.26 -3.87
C SER G 55 -17.95 2.23 -3.44
N LEU G 56 -16.78 2.31 -4.07
CA LEU G 56 -15.59 1.63 -3.54
C LEU G 56 -14.56 2.66 -3.17
N LYS G 57 -13.78 2.30 -2.16
CA LYS G 57 -12.69 3.08 -1.66
C LYS G 57 -11.44 2.58 -2.39
N GLU G 58 -10.58 3.48 -2.88
CA GLU G 58 -9.33 3.01 -3.46
C GLU G 58 -8.63 2.05 -2.52
N GLY G 59 -8.21 0.92 -3.09
CA GLY G 59 -7.46 -0.07 -2.35
C GLY G 59 -8.31 -1.19 -1.76
N GLU G 60 -9.62 -1.03 -1.66
CA GLU G 60 -10.37 -2.04 -0.90
C GLU G 60 -10.39 -3.37 -1.65
N PRO G 61 -10.31 -4.48 -0.90
CA PRO G 61 -10.27 -5.80 -1.53
C PRO G 61 -11.67 -6.22 -1.96
N VAL G 62 -11.78 -6.82 -3.14
CA VAL G 62 -13.08 -7.19 -3.71
C VAL G 62 -13.04 -8.57 -4.35
N GLU G 63 -14.23 -9.18 -4.44
CA GLU G 63 -14.47 -10.46 -5.10
C GLU G 63 -15.57 -10.13 -6.10
N PHE G 64 -15.53 -10.70 -7.29
CA PHE G 64 -16.54 -10.37 -8.30
C PHE G 64 -16.74 -11.44 -9.36
N THR G 65 -17.91 -11.38 -9.98
CA THR G 65 -18.12 -12.01 -11.26
C THR G 65 -17.98 -10.93 -12.33
N PHE G 66 -17.54 -11.35 -13.50
CA PHE G 66 -17.32 -10.45 -14.64
C PHE G 66 -17.45 -11.17 -15.94
N LYS G 67 -17.53 -10.41 -17.03
CA LYS G 67 -17.59 -10.95 -18.36
C LYS G 67 -16.91 -10.02 -19.35
N LYS G 68 -16.53 -10.54 -20.50
CA LYS G 68 -16.06 -9.70 -21.57
C LYS G 68 -17.24 -8.91 -22.13
N SER G 69 -17.04 -7.63 -22.38
CA SER G 69 -18.10 -6.86 -23.00
CA SER G 69 -18.08 -6.79 -22.94
C SER G 69 -17.49 -6.05 -24.12
N SER G 70 -18.33 -5.32 -24.82
CA SER G 70 -17.88 -4.61 -26.02
C SER G 70 -16.72 -3.63 -25.75
N LYS G 71 -16.69 -3.02 -24.55
CA LYS G 71 -15.69 -1.97 -24.25
C LYS G 71 -14.52 -2.44 -23.37
N GLY G 72 -14.55 -3.69 -22.95
N GLY G 72 -14.55 -3.71 -23.01
CA GLY G 72 -13.46 -4.26 -22.15
CA GLY G 72 -13.55 -4.31 -22.17
C GLY G 72 -13.93 -5.48 -21.39
C GLY G 72 -14.33 -5.20 -21.25
N PHE G 73 -13.82 -5.42 -20.07
CA PHE G 73 -14.49 -6.33 -19.17
C PHE G 73 -15.55 -5.57 -18.41
N GLU G 74 -16.48 -6.30 -17.82
CA GLU G 74 -17.57 -5.68 -17.09
C GLU G 74 -17.87 -6.52 -15.84
N SER G 75 -17.78 -5.89 -14.66
CA SER G 75 -18.14 -6.53 -13.38
C SER G 75 -19.65 -6.72 -13.35
N LEU G 76 -20.10 -7.89 -12.87
CA LEU G 76 -21.53 -8.18 -12.84
C LEU G 76 -22.09 -8.13 -11.41
N ARG G 77 -21.25 -8.42 -10.43
CA ARG G 77 -21.60 -8.30 -9.01
C ARG G 77 -20.31 -8.25 -8.23
N VAL G 78 -20.20 -7.29 -7.33
CA VAL G 78 -18.96 -7.05 -6.63
C VAL G 78 -19.25 -7.04 -5.12
N THR G 79 -18.49 -7.84 -4.38
CA THR G 79 -18.55 -7.87 -2.92
C THR G 79 -17.18 -7.64 -2.33
N GLY G 80 -17.14 -7.50 -1.01
CA GLY G 80 -15.85 -7.60 -0.30
C GLY G 80 -15.45 -9.07 -0.15
N PRO G 81 -14.37 -9.33 0.59
CA PRO G 81 -13.94 -10.68 0.92
C PRO G 81 -15.09 -11.53 1.49
N GLY G 82 -15.19 -12.76 1.03
CA GLY G 82 -16.13 -13.73 1.60
C GLY G 82 -17.60 -13.47 1.25
N GLY G 83 -17.85 -12.56 0.31
CA GLY G 83 -19.23 -12.19 -0.06
C GLY G 83 -19.84 -11.17 0.86
N ASN G 84 -19.02 -10.61 1.74
CA ASN G 84 -19.46 -9.56 2.64
C ASN G 84 -19.60 -8.25 1.90
N PRO G 85 -20.26 -7.27 2.52
CA PRO G 85 -20.41 -5.98 1.83
C PRO G 85 -19.11 -5.27 1.49
N CYS G 86 -19.16 -4.49 0.41
CA CYS G 86 -18.08 -3.57 0.10
C CYS G 86 -18.08 -2.49 1.17
N LEU G 87 -16.97 -1.81 1.29
CA LEU G 87 -16.82 -0.74 2.30
C LEU G 87 -17.24 0.62 1.81
N GLY G 88 -16.71 1.01 0.68
CA GLY G 88 -16.90 2.36 0.15
C GLY G 88 -16.20 3.45 0.91
N ASN G 89 -16.47 4.68 0.53
CA ASN G 89 -15.90 5.86 1.19
C ASN G 89 -16.52 6.22 2.54
#